data_5UNJ
#
_entry.id   5UNJ
#
_cell.length_a   66.180
_cell.length_b   84.027
_cell.length_c   45.355
_cell.angle_alpha   90.000
_cell.angle_beta   90.000
_cell.angle_gamma   90.000
#
_symmetry.space_group_name_H-M   'P 21 21 2'
#
loop_
_entity.id
_entity.type
_entity.pdbx_description
1 polymer 'Nuclear receptor subfamily 5 group A member 2'
2 polymer 'Peroxisome proliferator-activated gamma coactivator 1-alpha'
3 non-polymer (1R,3aR,6aR)-5-hexyl-4-phenyl-3a-(1-phenylethenyl)-1,2,3,3a,6,6a-hexahydropentalen-1-ol
4 water water
#
loop_
_entity_poly.entity_id
_entity_poly.type
_entity_poly.pdbx_seq_one_letter_code
_entity_poly.pdbx_strand_id
1 'polypeptide(L)'
;SNASIPHLILELLKCEPDEPQVQAKIMAYLQQEQANRSKHEKLSTFGLMCKMADQTLFSIVEWARSSIFFRELKVDDQMK
LLQNCWSELLILDHIYRQVVHGKEGSIFLVTGQQVDYSIIASQAGATLNNLMSHAQELVAKLRSLQFDQREFVCLKFLVL
FSLDVKNLENFQLVEGVQEQVNAALLDYTMCNYPQQTEKFGQLLLRLPEIRAISMQAEEYLYYKHLNGDVPYNNLLIEML
HAKRA
;
A
2 'polypeptide(L)' EEPSLLKKLLLAPA C
#
# COMPACT_ATOMS: atom_id res chain seq x y z
N SER A 4 -1.23 22.30 -14.24
CA SER A 4 -0.92 21.09 -14.97
C SER A 4 -0.25 20.07 -14.06
N ILE A 5 0.15 18.94 -14.61
CA ILE A 5 0.71 17.82 -13.85
C ILE A 5 2.21 17.76 -14.11
N PRO A 6 3.06 17.77 -13.09
CA PRO A 6 4.50 17.61 -13.33
C PRO A 6 4.79 16.33 -14.10
N HIS A 7 5.79 16.42 -15.00
CA HIS A 7 6.15 15.26 -15.81
C HIS A 7 6.60 14.09 -14.93
N LEU A 8 7.22 14.38 -13.79
CA LEU A 8 7.62 13.30 -12.89
C LEU A 8 6.42 12.49 -12.44
N ILE A 9 5.32 13.15 -12.10
CA ILE A 9 4.13 12.43 -11.65
C ILE A 9 3.51 11.65 -12.80
N LEU A 10 3.57 12.19 -14.03
CA LEU A 10 3.06 11.44 -15.17
C LEU A 10 3.82 10.13 -15.35
N GLU A 11 5.12 10.13 -15.08
CA GLU A 11 5.88 8.89 -15.16
C GLU A 11 5.50 7.92 -14.04
N LEU A 12 5.16 8.44 -12.86
CA LEU A 12 4.71 7.57 -11.77
C LEU A 12 3.37 6.93 -12.11
N LEU A 13 2.47 7.68 -12.77
CA LEU A 13 1.16 7.14 -13.10
C LEU A 13 1.27 5.99 -14.10
N LYS A 14 2.28 6.03 -14.98
CA LYS A 14 2.48 4.93 -15.93
C LYS A 14 2.74 3.61 -15.24
N CYS A 15 3.34 3.64 -14.05
CA CYS A 15 3.67 2.41 -13.35
C CYS A 15 2.46 1.79 -12.66
N GLU A 16 1.32 2.47 -12.64
CA GLU A 16 0.17 1.95 -11.94
C GLU A 16 -0.32 0.66 -12.60
N PRO A 17 -0.68 -0.35 -11.82
CA PRO A 17 -1.19 -1.59 -12.43
C PRO A 17 -2.55 -1.38 -13.09
N ASP A 18 -2.84 -2.22 -14.07
CA ASP A 18 -4.15 -2.22 -14.70
C ASP A 18 -5.18 -2.73 -13.69
N GLU A 19 -6.06 -1.85 -13.22
CA GLU A 19 -6.98 -2.22 -12.15
C GLU A 19 -7.90 -3.36 -12.53
N PRO A 20 -8.57 -3.35 -13.69
CA PRO A 20 -9.46 -4.47 -14.01
C PRO A 20 -8.73 -5.81 -14.08
N GLN A 21 -7.49 -5.81 -14.58
CA GLN A 21 -6.77 -7.08 -14.72
C GLN A 21 -6.29 -7.59 -13.36
N VAL A 22 -5.92 -6.69 -12.44
CA VAL A 22 -5.57 -7.12 -11.10
C VAL A 22 -6.77 -7.72 -10.40
N GLN A 23 -7.93 -7.07 -10.52
CA GLN A 23 -9.14 -7.58 -9.88
C GLN A 23 -9.48 -8.97 -10.40
N ALA A 24 -9.50 -9.13 -11.73
CA ALA A 24 -9.84 -10.43 -12.31
C ALA A 24 -8.88 -11.52 -11.86
N LYS A 25 -7.60 -11.17 -11.71
CA LYS A 25 -6.60 -12.17 -11.36
C LYS A 25 -6.76 -12.62 -9.92
N ILE A 26 -6.86 -11.69 -8.97
CA ILE A 26 -7.00 -12.07 -7.57
C ILE A 26 -8.35 -12.73 -7.34
N MET A 27 -9.38 -12.27 -8.04
CA MET A 27 -10.70 -12.91 -7.96
C MET A 27 -10.59 -14.39 -8.32
N ALA A 28 -9.86 -14.72 -9.40
CA ALA A 28 -9.69 -16.11 -9.80
C ALA A 28 -8.97 -16.91 -8.73
N TYR A 29 -7.94 -16.31 -8.11
CA TYR A 29 -7.18 -17.03 -7.09
C TYR A 29 -8.06 -17.39 -5.91
N LEU A 30 -8.86 -16.45 -5.41
CA LEU A 30 -9.69 -16.72 -4.25
C LEU A 30 -10.80 -17.72 -4.58
N GLN A 31 -11.36 -17.63 -5.79
CA GLN A 31 -12.38 -18.59 -6.20
C GLN A 31 -11.81 -19.99 -6.34
N GLN A 32 -10.53 -20.09 -6.70
CA GLN A 32 -9.84 -21.38 -6.76
C GLN A 32 -9.88 -22.05 -5.39
N LEU A 43 -11.52 -23.09 5.39
CA LEU A 43 -10.78 -21.83 5.31
C LEU A 43 -11.60 -20.68 5.88
N SER A 44 -11.12 -20.09 6.97
CA SER A 44 -11.81 -18.96 7.58
C SER A 44 -11.78 -17.75 6.67
N THR A 45 -12.67 -16.79 6.94
CA THR A 45 -12.63 -15.53 6.22
C THR A 45 -11.30 -14.83 6.45
N PHE A 46 -10.81 -14.83 7.69
CA PHE A 46 -9.47 -14.31 7.96
C PHE A 46 -8.44 -15.05 7.11
N GLY A 47 -8.56 -16.37 7.01
CA GLY A 47 -7.65 -17.12 6.15
C GLY A 47 -7.76 -16.72 4.70
N LEU A 48 -8.99 -16.46 4.23
CA LEU A 48 -9.17 -16.00 2.85
C LEU A 48 -8.53 -14.64 2.64
N MET A 49 -8.58 -13.77 3.66
CA MET A 49 -7.96 -12.47 3.55
C MET A 49 -6.44 -12.56 3.57
N CYS A 50 -5.88 -13.55 4.27
CA CYS A 50 -4.45 -13.80 4.18
C CYS A 50 -4.06 -14.15 2.75
N LYS A 51 -4.88 -14.97 2.08
CA LYS A 51 -4.64 -15.30 0.69
C LYS A 51 -4.76 -14.06 -0.20
N MET A 52 -5.78 -13.24 0.04
CA MET A 52 -5.97 -12.02 -0.75
C MET A 52 -4.79 -11.07 -0.58
N ALA A 53 -4.32 -10.91 0.67
CA ALA A 53 -3.17 -10.04 0.92
C ALA A 53 -1.90 -10.60 0.28
N ASP A 54 -1.72 -11.92 0.36
CA ASP A 54 -0.58 -12.56 -0.30
C ASP A 54 -0.56 -12.24 -1.78
N GLN A 55 -1.71 -12.35 -2.44
CA GLN A 55 -1.79 -12.02 -3.86
C GLN A 55 -1.57 -10.53 -4.12
N THR A 56 -2.04 -9.67 -3.22
CA THR A 56 -1.81 -8.24 -3.39
C THR A 56 -0.32 -7.93 -3.31
N LEU A 57 0.39 -8.61 -2.41
CA LEU A 57 1.83 -8.40 -2.30
C LEU A 57 2.55 -8.76 -3.60
N PHE A 58 2.11 -9.82 -4.28
CA PHE A 58 2.67 -10.14 -5.58
C PHE A 58 2.49 -8.97 -6.55
N SER A 59 1.29 -8.38 -6.58
CA SER A 59 1.04 -7.24 -7.43
C SER A 59 1.91 -6.05 -7.03
N ILE A 60 2.14 -5.89 -5.72
CA ILE A 60 2.95 -4.77 -5.24
C ILE A 60 4.41 -4.94 -5.68
N VAL A 61 4.94 -6.15 -5.52
CA VAL A 61 6.32 -6.42 -5.95
C VAL A 61 6.47 -6.14 -7.44
N GLU A 62 5.49 -6.55 -8.25
CA GLU A 62 5.59 -6.31 -9.67
C GLU A 62 5.47 -4.82 -9.98
N TRP A 63 4.58 -4.11 -9.28
CA TRP A 63 4.49 -2.66 -9.44
C TRP A 63 5.84 -2.00 -9.23
N ALA A 64 6.49 -2.27 -8.10
CA ALA A 64 7.80 -1.69 -7.84
C ALA A 64 8.82 -2.17 -8.87
N ARG A 65 8.81 -3.46 -9.19
CA ARG A 65 9.69 -3.98 -10.23
C ARG A 65 9.51 -3.23 -11.54
N SER A 66 8.25 -2.97 -11.93
CA SER A 66 7.95 -2.24 -13.14
C SER A 66 8.48 -0.81 -13.09
N SER A 67 8.76 -0.32 -11.89
CA SER A 67 8.76 1.11 -11.64
C SER A 67 10.02 1.79 -12.16
N ILE A 68 9.83 2.91 -12.86
CA ILE A 68 10.89 3.86 -13.05
C ILE A 68 11.59 4.10 -11.72
N PHE A 69 12.91 4.29 -11.76
CA PHE A 69 13.74 4.54 -10.58
C PHE A 69 14.03 3.26 -9.81
N PHE A 70 12.99 2.55 -9.39
CA PHE A 70 13.20 1.33 -8.60
C PHE A 70 13.97 0.29 -9.39
N ARG A 71 13.69 0.16 -10.69
CA ARG A 71 14.31 -0.89 -11.48
C ARG A 71 15.79 -0.63 -11.72
N GLU A 72 16.31 0.51 -11.28
CA GLU A 72 17.75 0.79 -11.38
C GLU A 72 18.52 0.28 -10.17
N LEU A 73 17.88 0.17 -9.01
CA LEU A 73 18.54 -0.38 -7.84
C LEU A 73 18.89 -1.84 -8.06
N LYS A 74 19.98 -2.27 -7.45
CA LYS A 74 20.33 -3.69 -7.47
C LYS A 74 19.41 -4.45 -6.53
N VAL A 75 19.33 -5.77 -6.74
CA VAL A 75 18.32 -6.58 -6.06
C VAL A 75 18.40 -6.40 -4.56
N ASP A 76 19.62 -6.39 -4.01
CA ASP A 76 19.77 -6.26 -2.56
C ASP A 76 19.06 -5.02 -2.05
N ASP A 77 19.28 -3.87 -2.69
CA ASP A 77 18.59 -2.65 -2.28
C ASP A 77 17.09 -2.77 -2.50
N GLN A 78 16.67 -3.40 -3.60
CA GLN A 78 15.25 -3.59 -3.85
C GLN A 78 14.60 -4.39 -2.74
N MET A 79 15.29 -5.42 -2.24
CA MET A 79 14.73 -6.24 -1.16
C MET A 79 14.56 -5.42 0.12
N LYS A 80 15.57 -4.62 0.50
CA LYS A 80 15.48 -3.87 1.74
C LYS A 80 14.28 -2.94 1.72
N LEU A 81 14.13 -2.16 0.64
CA LEU A 81 13.03 -1.20 0.56
C LEU A 81 11.68 -1.92 0.68
N LEU A 82 11.50 -3.00 -0.08
CA LEU A 82 10.23 -3.71 -0.05
C LEU A 82 9.98 -4.37 1.29
N GLN A 83 11.02 -4.95 1.90
CA GLN A 83 10.86 -5.54 3.22
C GLN A 83 10.49 -4.49 4.25
N ASN A 84 10.87 -3.23 4.03
CA ASN A 84 10.65 -2.18 5.00
C ASN A 84 9.24 -1.57 4.93
N CYS A 85 8.56 -1.68 3.79
CA CYS A 85 7.33 -0.93 3.57
C CYS A 85 6.17 -1.76 3.04
N TRP A 86 6.32 -3.08 2.93
CA TRP A 86 5.29 -3.89 2.28
C TRP A 86 3.93 -3.72 2.96
N SER A 87 3.90 -3.75 4.29
CA SER A 87 2.62 -3.61 4.98
C SER A 87 2.08 -2.19 4.89
N GLU A 88 2.95 -1.19 4.89
CA GLU A 88 2.49 0.18 4.72
C GLU A 88 1.87 0.38 3.34
N LEU A 89 2.47 -0.19 2.30
CA LEU A 89 1.88 -0.11 0.97
C LEU A 89 0.55 -0.84 0.91
N LEU A 90 0.45 -1.97 1.62
CA LEU A 90 -0.80 -2.72 1.65
C LEU A 90 -1.92 -1.88 2.26
N ILE A 91 -1.64 -1.20 3.37
CA ILE A 91 -2.66 -0.38 4.04
C ILE A 91 -2.95 0.88 3.24
N LEU A 92 -1.92 1.52 2.70
CA LEU A 92 -2.15 2.70 1.88
C LEU A 92 -3.03 2.37 0.67
N ASP A 93 -2.74 1.25 -0.01
CA ASP A 93 -3.57 0.81 -1.12
C ASP A 93 -5.00 0.59 -0.68
N HIS A 94 -5.19 -0.08 0.47
CA HIS A 94 -6.52 -0.30 1.02
C HIS A 94 -7.23 1.03 1.28
N ILE A 95 -6.53 1.97 1.91
CA ILE A 95 -7.13 3.26 2.26
C ILE A 95 -7.55 4.01 1.00
N TYR A 96 -6.66 4.11 0.02
CA TYR A 96 -7.00 4.83 -1.19
C TYR A 96 -8.15 4.16 -1.93
N ARG A 97 -8.24 2.83 -1.87
CA ARG A 97 -9.34 2.12 -2.51
C ARG A 97 -10.68 2.55 -1.91
N GLN A 98 -10.72 2.76 -0.60
CA GLN A 98 -11.94 3.25 0.03
C GLN A 98 -12.24 4.69 -0.38
N VAL A 99 -11.20 5.51 -0.48
CA VAL A 99 -11.39 6.92 -0.85
C VAL A 99 -12.10 7.02 -2.19
N VAL A 100 -11.64 6.26 -3.17
CA VAL A 100 -12.20 6.30 -4.53
C VAL A 100 -13.52 5.56 -4.57
N HIS A 101 -13.46 4.23 -4.48
CA HIS A 101 -14.61 3.36 -4.67
C HIS A 101 -15.44 3.17 -3.40
N GLY A 102 -15.00 3.67 -2.26
CA GLY A 102 -15.66 3.37 -1.01
C GLY A 102 -16.94 4.15 -0.81
N LYS A 103 -17.81 3.56 0.01
CA LYS A 103 -19.06 4.17 0.44
C LYS A 103 -19.16 4.07 1.96
N GLU A 104 -20.11 4.81 2.52
CA GLU A 104 -20.34 4.77 3.96
C GLU A 104 -20.80 3.38 4.39
N GLY A 105 -20.10 2.81 5.37
CA GLY A 105 -20.51 1.53 5.94
C GLY A 105 -20.19 0.33 5.10
N SER A 106 -19.30 0.45 4.13
CA SER A 106 -18.86 -0.68 3.31
C SER A 106 -17.35 -0.73 3.29
N ILE A 107 -16.82 -1.89 2.88
CA ILE A 107 -15.40 -2.07 2.60
C ILE A 107 -15.27 -2.63 1.20
N PHE A 108 -14.40 -2.02 0.40
CA PHE A 108 -14.14 -2.48 -0.96
C PHE A 108 -12.79 -3.19 -0.99
N LEU A 109 -12.80 -4.41 -1.53
CA LEU A 109 -11.62 -5.27 -1.56
C LEU A 109 -10.95 -5.19 -2.92
N VAL A 110 -9.66 -5.54 -2.94
CA VAL A 110 -8.87 -5.50 -4.17
C VAL A 110 -9.48 -6.38 -5.25
N THR A 111 -10.31 -7.36 -4.88
CA THR A 111 -11.02 -8.19 -5.85
C THR A 111 -12.20 -7.46 -6.49
N GLY A 112 -12.49 -6.24 -6.06
CA GLY A 112 -13.64 -5.51 -6.56
C GLY A 112 -14.92 -5.74 -5.77
N GLN A 113 -14.91 -6.63 -4.79
CA GLN A 113 -16.11 -6.92 -4.02
C GLN A 113 -16.40 -5.81 -3.02
N GLN A 114 -17.69 -5.55 -2.81
CA GLN A 114 -18.16 -4.60 -1.81
C GLN A 114 -18.85 -5.39 -0.69
N VAL A 115 -18.31 -5.29 0.51
CA VAL A 115 -18.85 -6.00 1.67
C VAL A 115 -19.27 -4.98 2.72
N ASP A 116 -20.35 -5.29 3.44
CA ASP A 116 -20.79 -4.44 4.54
C ASP A 116 -19.73 -4.43 5.64
N TYR A 117 -19.48 -3.25 6.20
CA TYR A 117 -18.40 -3.11 7.18
C TYR A 117 -18.67 -3.96 8.42
N SER A 118 -19.91 -3.90 8.93
CA SER A 118 -20.22 -4.60 10.17
C SER A 118 -20.07 -6.11 10.02
N ILE A 119 -20.37 -6.65 8.84
CA ILE A 119 -20.23 -8.09 8.62
C ILE A 119 -18.76 -8.48 8.62
N ILE A 120 -17.95 -7.80 7.80
CA ILE A 120 -16.54 -8.17 7.70
C ILE A 120 -15.80 -7.79 8.97
N ALA A 121 -16.24 -6.73 9.66
CA ALA A 121 -15.64 -6.37 10.94
C ALA A 121 -15.88 -7.47 11.97
N SER A 122 -17.08 -8.05 11.98
CA SER A 122 -17.33 -9.20 12.85
C SER A 122 -16.34 -10.32 12.54
N GLN A 123 -16.25 -10.70 11.26
CA GLN A 123 -15.38 -11.80 10.87
C GLN A 123 -13.91 -11.50 11.16
N ALA A 124 -13.55 -10.22 11.25
CA ALA A 124 -12.16 -9.85 11.49
C ALA A 124 -11.76 -9.94 12.95
N GLY A 125 -12.71 -9.94 13.87
CA GLY A 125 -12.41 -9.94 15.28
C GLY A 125 -12.18 -8.55 15.82
N ALA A 126 -12.11 -8.46 17.15
CA ALA A 126 -12.06 -7.16 17.82
C ALA A 126 -10.78 -6.40 17.46
N THR A 127 -9.62 -7.05 17.60
CA THR A 127 -8.35 -6.36 17.36
C THR A 127 -8.31 -5.78 15.96
N LEU A 128 -8.51 -6.61 14.94
CA LEU A 128 -8.41 -6.12 13.57
C LEU A 128 -9.45 -5.06 13.28
N ASN A 129 -10.68 -5.23 13.80
CA ASN A 129 -11.70 -4.21 13.60
C ASN A 129 -11.20 -2.85 14.05
N ASN A 130 -10.46 -2.81 15.16
CA ASN A 130 -9.91 -1.56 15.65
C ASN A 130 -8.96 -0.93 14.63
N LEU A 131 -8.08 -1.73 14.04
CA LEU A 131 -7.17 -1.21 13.02
C LEU A 131 -7.93 -0.80 11.77
N MET A 132 -8.93 -1.59 11.37
CA MET A 132 -9.75 -1.22 10.22
C MET A 132 -10.49 0.10 10.48
N SER A 133 -10.96 0.30 11.72
CA SER A 133 -11.67 1.53 12.06
C SER A 133 -10.74 2.73 12.02
N HIS A 134 -9.52 2.58 12.55
CA HIS A 134 -8.53 3.63 12.44
C HIS A 134 -8.26 3.98 10.98
N ALA A 135 -8.11 2.97 10.12
CA ALA A 135 -7.90 3.24 8.70
C ALA A 135 -9.08 3.99 8.10
N GLN A 136 -10.30 3.61 8.50
CA GLN A 136 -11.48 4.32 7.98
C GLN A 136 -11.47 5.78 8.39
N GLU A 137 -10.93 6.09 9.57
CA GLU A 137 -10.78 7.49 9.96
C GLU A 137 -9.87 8.22 8.98
N LEU A 138 -8.76 7.60 8.58
CA LEU A 138 -7.87 8.21 7.60
C LEU A 138 -8.55 8.37 6.25
N VAL A 139 -9.38 7.38 5.86
CA VAL A 139 -10.16 7.51 4.63
C VAL A 139 -10.99 8.78 4.66
N ALA A 140 -11.71 9.00 5.76
CA ALA A 140 -12.59 10.16 5.85
C ALA A 140 -11.81 11.47 5.78
N LYS A 141 -10.64 11.51 6.43
CA LYS A 141 -9.82 12.72 6.40
C LYS A 141 -9.27 12.97 5.00
N LEU A 142 -8.81 11.93 4.32
CA LEU A 142 -8.26 12.10 2.98
C LEU A 142 -9.34 12.54 1.99
N ARG A 143 -10.57 12.03 2.16
CA ARG A 143 -11.68 12.49 1.32
C ARG A 143 -11.89 13.99 1.47
N SER A 144 -11.92 14.48 2.72
CA SER A 144 -12.17 15.89 2.95
C SER A 144 -11.04 16.75 2.38
N LEU A 145 -9.85 16.18 2.25
CA LEU A 145 -8.72 16.87 1.66
C LEU A 145 -8.72 16.79 0.12
N GLN A 146 -9.66 16.06 -0.47
CA GLN A 146 -9.71 15.88 -1.92
C GLN A 146 -8.48 15.15 -2.43
N PHE A 147 -8.04 14.15 -1.67
CA PHE A 147 -6.96 13.25 -2.07
C PHE A 147 -7.28 12.63 -3.43
N ASP A 148 -6.35 12.76 -4.38
CA ASP A 148 -6.56 12.25 -5.73
C ASP A 148 -5.42 11.32 -6.15
N GLN A 149 -5.53 10.81 -7.39
CA GLN A 149 -4.64 9.73 -7.83
C GLN A 149 -3.22 10.22 -8.02
N ARG A 150 -3.04 11.45 -8.47
CA ARG A 150 -1.69 12.01 -8.61
C ARG A 150 -0.99 12.05 -7.26
N GLU A 151 -1.70 12.51 -6.23
CA GLU A 151 -1.12 12.53 -4.88
C GLU A 151 -0.89 11.12 -4.36
N PHE A 152 -1.79 10.19 -4.71
CA PHE A 152 -1.67 8.81 -4.24
C PHE A 152 -0.38 8.17 -4.71
N VAL A 153 -0.09 8.24 -6.01
CA VAL A 153 1.12 7.61 -6.52
C VAL A 153 2.36 8.26 -5.92
N CYS A 154 2.30 9.56 -5.64
CA CYS A 154 3.42 10.22 -4.96
C CYS A 154 3.66 9.61 -3.58
N LEU A 155 2.59 9.39 -2.81
CA LEU A 155 2.77 8.82 -1.48
C LEU A 155 3.29 7.40 -1.55
N LYS A 156 2.83 6.63 -2.55
CA LYS A 156 3.34 5.26 -2.72
C LYS A 156 4.84 5.26 -2.90
N PHE A 157 5.36 6.16 -3.73
CA PHE A 157 6.80 6.20 -3.96
C PHE A 157 7.55 6.76 -2.75
N LEU A 158 6.95 7.70 -2.03
CA LEU A 158 7.58 8.19 -0.81
C LEU A 158 7.69 7.07 0.23
N VAL A 159 6.66 6.23 0.32
CA VAL A 159 6.71 5.08 1.22
C VAL A 159 7.76 4.08 0.76
N LEU A 160 7.81 3.81 -0.55
CA LEU A 160 8.78 2.85 -1.08
C LEU A 160 10.20 3.35 -0.92
N PHE A 161 10.46 4.62 -1.29
CA PHE A 161 11.81 5.18 -1.26
C PHE A 161 12.03 5.90 0.08
N SER A 162 12.03 5.09 1.14
CA SER A 162 12.18 5.62 2.48
C SER A 162 13.64 5.99 2.76
N LEU A 163 13.83 7.04 3.56
CA LEU A 163 15.16 7.44 4.02
C LEU A 163 15.55 6.77 5.33
N ASP A 164 14.61 6.17 6.05
CA ASP A 164 14.92 5.47 7.30
C ASP A 164 15.43 4.06 7.08
N VAL A 165 15.61 3.63 5.83
CA VAL A 165 16.25 2.35 5.54
C VAL A 165 17.76 2.52 5.59
N LEU A 168 22.35 0.58 2.33
CA LEU A 168 21.97 0.76 0.93
C LEU A 168 23.19 1.02 0.06
N GLU A 169 23.34 0.21 -1.00
CA GLU A 169 24.46 0.41 -1.91
C GLU A 169 24.32 1.71 -2.70
N ASN A 170 23.09 2.17 -2.92
CA ASN A 170 22.83 3.38 -3.69
C ASN A 170 21.84 4.27 -2.94
N PHE A 171 22.25 4.72 -1.75
CA PHE A 171 21.45 5.67 -1.01
C PHE A 171 21.29 7.00 -1.75
N GLN A 172 22.22 7.33 -2.64
CA GLN A 172 22.12 8.57 -3.40
C GLN A 172 20.88 8.57 -4.29
N LEU A 173 20.61 7.44 -4.95
CA LEU A 173 19.41 7.34 -5.78
C LEU A 173 18.15 7.45 -4.92
N VAL A 174 18.10 6.71 -3.81
CA VAL A 174 16.93 6.74 -2.95
C VAL A 174 16.68 8.14 -2.43
N GLU A 175 17.74 8.78 -1.90
CA GLU A 175 17.59 10.13 -1.39
C GLU A 175 17.13 11.09 -2.49
N GLY A 176 17.70 10.96 -3.68
CA GLY A 176 17.32 11.85 -4.78
C GLY A 176 15.89 11.64 -5.22
N VAL A 177 15.45 10.38 -5.30
CA VAL A 177 14.05 10.11 -5.65
C VAL A 177 13.13 10.74 -4.61
N GLN A 178 13.46 10.55 -3.32
CA GLN A 178 12.64 11.10 -2.25
C GLN A 178 12.51 12.62 -2.39
N GLU A 179 13.63 13.30 -2.69
CA GLU A 179 13.59 14.76 -2.74
C GLU A 179 12.80 15.25 -3.95
N GLN A 180 12.92 14.57 -5.08
CA GLN A 180 12.23 15.00 -6.29
C GLN A 180 10.74 14.68 -6.25
N VAL A 181 10.37 13.54 -5.65
CA VAL A 181 8.95 13.23 -5.49
C VAL A 181 8.29 14.20 -4.53
N ASN A 182 8.95 14.51 -3.41
CA ASN A 182 8.42 15.50 -2.49
C ASN A 182 8.20 16.83 -3.19
N ALA A 183 9.18 17.27 -3.98
CA ALA A 183 9.06 18.56 -4.68
C ALA A 183 7.92 18.52 -5.70
N ALA A 184 7.76 17.41 -6.41
CA ALA A 184 6.68 17.29 -7.38
C ALA A 184 5.32 17.26 -6.71
N LEU A 185 5.22 16.61 -5.54
CA LEU A 185 3.96 16.57 -4.82
C LEU A 185 3.60 17.96 -4.28
N LEU A 186 4.58 18.68 -3.74
CA LEU A 186 4.33 20.05 -3.29
C LEU A 186 3.88 20.93 -4.45
N ASP A 187 4.61 20.87 -5.56
CA ASP A 187 4.23 21.66 -6.73
C ASP A 187 2.81 21.33 -7.17
N TYR A 188 2.46 20.04 -7.22
CA TYR A 188 1.14 19.64 -7.71
C TYR A 188 0.03 20.11 -6.77
N THR A 189 0.20 19.88 -5.47
CA THR A 189 -0.86 20.25 -4.53
C THR A 189 -1.03 21.76 -4.46
N MET A 190 0.08 22.51 -4.48
CA MET A 190 -0.02 23.96 -4.43
C MET A 190 -0.69 24.51 -5.68
N CYS A 191 -0.39 23.94 -6.84
CA CYS A 191 -0.94 24.47 -8.08
C CYS A 191 -2.36 23.99 -8.34
N ASN A 192 -2.72 22.81 -7.87
CA ASN A 192 -4.02 22.23 -8.20
C ASN A 192 -5.03 22.32 -7.07
N TYR A 193 -4.59 22.58 -5.83
CA TYR A 193 -5.50 22.78 -4.70
C TYR A 193 -4.99 23.94 -3.86
N PRO A 194 -4.84 25.12 -4.47
CA PRO A 194 -4.27 26.25 -3.72
C PRO A 194 -5.15 26.76 -2.61
N GLN A 195 -6.47 26.58 -2.70
CA GLN A 195 -7.35 27.00 -1.61
C GLN A 195 -7.28 26.06 -0.43
N GLN A 196 -6.86 24.81 -0.64
CA GLN A 196 -6.67 23.86 0.44
C GLN A 196 -5.30 24.13 1.06
N THR A 197 -5.27 24.99 2.08
CA THR A 197 -4.01 25.43 2.66
C THR A 197 -3.23 24.24 3.22
N GLU A 198 -1.94 24.20 2.91
CA GLU A 198 -1.02 23.24 3.52
C GLU A 198 -1.41 21.80 3.19
N LYS A 199 -2.05 21.58 2.04
CA LYS A 199 -2.46 20.22 1.69
C LYS A 199 -1.26 19.28 1.63
N PHE A 200 -0.14 19.78 1.10
CA PHE A 200 1.10 19.00 1.06
C PHE A 200 1.44 18.44 2.43
N GLY A 201 1.51 19.31 3.44
CA GLY A 201 1.84 18.85 4.79
C GLY A 201 0.78 17.94 5.37
N GLN A 202 -0.49 18.22 5.09
CA GLN A 202 -1.57 17.39 5.62
C GLN A 202 -1.52 15.98 5.03
N LEU A 203 -1.05 15.83 3.79
CA LEU A 203 -0.91 14.50 3.22
C LEU A 203 0.25 13.75 3.86
N LEU A 204 1.41 14.41 4.00
CA LEU A 204 2.57 13.74 4.59
C LEU A 204 2.30 13.32 6.03
N LEU A 205 1.46 14.05 6.74
CA LEU A 205 1.14 13.69 8.13
C LEU A 205 0.55 12.29 8.22
N ARG A 206 -0.11 11.82 7.16
CA ARG A 206 -0.80 10.54 7.21
C ARG A 206 0.16 9.37 7.09
N LEU A 207 1.37 9.60 6.57
CA LEU A 207 2.30 8.49 6.38
C LEU A 207 2.74 7.90 7.72
N PRO A 208 3.15 8.69 8.71
CA PRO A 208 3.41 8.09 10.03
C PRO A 208 2.20 7.39 10.62
N GLU A 209 0.99 7.91 10.38
CA GLU A 209 -0.21 7.25 10.90
C GLU A 209 -0.44 5.90 10.23
N ILE A 210 -0.33 5.85 8.90
CA ILE A 210 -0.48 4.59 8.19
C ILE A 210 0.58 3.60 8.65
N ARG A 211 1.81 4.08 8.86
CA ARG A 211 2.89 3.17 9.24
C ARG A 211 2.63 2.56 10.62
N ALA A 212 2.12 3.35 11.55
CA ALA A 212 1.78 2.81 12.87
C ALA A 212 0.70 1.74 12.75
N ILE A 213 -0.31 1.98 11.91
CA ILE A 213 -1.34 0.97 11.69
C ILE A 213 -0.74 -0.29 11.09
N SER A 214 0.17 -0.14 10.12
CA SER A 214 0.76 -1.31 9.48
C SER A 214 1.67 -2.08 10.44
N MET A 215 2.36 -1.39 11.35
CA MET A 215 3.15 -2.11 12.35
C MET A 215 2.26 -2.93 13.27
N GLN A 216 1.15 -2.36 13.71
CA GLN A 216 0.20 -3.11 14.53
C GLN A 216 -0.39 -4.28 13.75
N ALA A 217 -0.67 -4.07 12.46
CA ALA A 217 -1.21 -5.15 11.65
C ALA A 217 -0.20 -6.29 11.51
N GLU A 218 1.08 -5.96 11.28
CA GLU A 218 2.10 -6.99 11.17
C GLU A 218 2.23 -7.79 12.46
N GLU A 219 2.24 -7.10 13.60
CA GLU A 219 2.37 -7.80 14.89
C GLU A 219 1.20 -8.75 15.10
N TYR A 220 0.00 -8.35 14.67
CA TYR A 220 -1.16 -9.22 14.82
C TYR A 220 -1.05 -10.43 13.91
N LEU A 221 -0.68 -10.22 12.64
CA LEU A 221 -0.54 -11.34 11.72
C LEU A 221 0.61 -12.25 12.13
N TYR A 222 1.69 -11.67 12.64
CA TYR A 222 2.79 -12.49 13.14
C TYR A 222 2.34 -13.34 14.32
N TYR A 223 1.55 -12.75 15.22
CA TYR A 223 0.99 -13.53 16.32
C TYR A 223 0.14 -14.69 15.80
N LYS A 224 -0.75 -14.40 14.85
CA LYS A 224 -1.62 -15.45 14.32
C LYS A 224 -0.82 -16.55 13.65
N HIS A 225 0.27 -16.17 12.97
CA HIS A 225 1.12 -17.18 12.33
C HIS A 225 1.78 -18.08 13.36
N LEU A 226 2.45 -17.49 14.35
CA LEU A 226 3.01 -18.28 15.44
C LEU A 226 1.93 -19.12 16.11
N ASN A 227 0.70 -18.61 16.16
CA ASN A 227 -0.41 -19.35 16.75
C ASN A 227 -0.94 -20.43 15.83
N GLY A 228 -0.49 -20.49 14.58
CA GLY A 228 -0.95 -21.50 13.64
C GLY A 228 -2.22 -21.16 12.91
N ASP A 229 -2.57 -19.87 12.82
CA ASP A 229 -3.83 -19.46 12.21
C ASP A 229 -3.67 -18.89 10.81
N VAL A 230 -2.44 -18.69 10.34
CA VAL A 230 -2.18 -18.14 9.01
C VAL A 230 -1.89 -19.32 8.07
N PRO A 231 -2.78 -19.65 7.13
CA PRO A 231 -2.50 -20.75 6.21
C PRO A 231 -1.33 -20.44 5.30
N TYR A 232 -0.96 -21.46 4.54
CA TYR A 232 0.21 -21.40 3.66
C TYR A 232 0.16 -20.22 2.70
N ASN A 233 1.05 -19.25 2.93
CA ASN A 233 1.18 -18.07 2.05
C ASN A 233 2.66 -17.65 2.13
N ASN A 234 3.48 -18.24 1.26
CA ASN A 234 4.92 -18.14 1.42
C ASN A 234 5.40 -16.69 1.36
N LEU A 235 4.83 -15.88 0.47
CA LEU A 235 5.32 -14.51 0.35
C LEU A 235 4.91 -13.69 1.57
N LEU A 236 3.66 -13.79 2.00
CA LEU A 236 3.22 -13.06 3.18
C LEU A 236 4.06 -13.44 4.39
N ILE A 237 4.28 -14.73 4.61
CA ILE A 237 5.03 -15.18 5.77
C ILE A 237 6.48 -14.74 5.66
N GLU A 238 7.07 -14.84 4.47
CA GLU A 238 8.46 -14.42 4.30
C GLU A 238 8.63 -12.94 4.64
N MET A 239 7.68 -12.10 4.21
CA MET A 239 7.78 -10.67 4.52
C MET A 239 7.60 -10.43 6.01
N LEU A 240 6.80 -11.25 6.70
CA LEU A 240 6.67 -11.12 8.14
C LEU A 240 7.97 -11.44 8.86
N HIS A 241 8.74 -12.39 8.34
CA HIS A 241 10.02 -12.77 8.94
C HIS A 241 11.16 -11.84 8.55
N ALA A 242 10.93 -10.89 7.66
CA ALA A 242 11.99 -9.98 7.22
C ALA A 242 12.40 -9.03 8.34
N SER B 4 14.95 -17.37 -0.97
CA SER B 4 14.01 -16.26 -0.78
C SER B 4 13.11 -16.10 -1.99
N LEU B 5 11.79 -16.14 -1.76
CA LEU B 5 10.85 -15.96 -2.84
C LEU B 5 10.88 -14.53 -3.37
N LEU B 6 11.02 -13.56 -2.47
CA LEU B 6 11.10 -12.17 -2.91
C LEU B 6 12.29 -11.95 -3.83
N LYS B 7 13.46 -12.48 -3.46
CA LYS B 7 14.63 -12.37 -4.31
C LYS B 7 14.40 -13.04 -5.65
N LYS B 8 13.68 -14.16 -5.64
CA LYS B 8 13.36 -14.86 -6.88
C LYS B 8 12.50 -13.97 -7.79
N LEU B 9 11.56 -13.23 -7.19
CA LEU B 9 10.70 -12.34 -7.98
C LEU B 9 11.50 -11.18 -8.55
N LEU B 10 12.41 -10.61 -7.78
CA LEU B 10 13.16 -9.44 -8.24
C LEU B 10 14.22 -9.83 -9.27
N LEU B 11 14.69 -11.07 -9.25
CA LEU B 11 15.70 -11.51 -10.21
C LEU B 11 15.09 -11.92 -11.55
N ALA B 12 13.79 -12.17 -11.60
CA ALA B 12 13.16 -12.65 -12.83
C ALA B 12 13.23 -11.60 -13.93
#